data_8P66
#
_entry.id   8P66
#
loop_
_entity.id
_entity.type
_entity.pdbx_description
1 polymer 'Clp protease ClpC,Heat shock survival AAA family ATPase ClpK'
2 non-polymer 'ZINC ION'
#
_entity_poly.entity_id   1
_entity_poly.type   'polypeptide(L)'
_entity_poly.pdbx_seq_one_letter_code
;MARKQCQVCGQPATVRVEANLNGRHSTMLLCDDHYRQLVRQQKRTVWSHPQFEK
;
_entity_poly.pdbx_strand_id   B
#
# COMPACT_ATOMS: atom_id res chain seq x y z
N MET A 1 -16.31 11.74 -4.31
CA MET A 1 -16.08 12.06 -5.74
C MET A 1 -14.62 11.89 -6.09
N ALA A 2 -14.25 12.34 -7.29
CA ALA A 2 -12.87 12.27 -7.78
C ALA A 2 -12.37 10.83 -7.84
N ARG A 3 -12.79 10.11 -8.87
CA ARG A 3 -12.37 8.74 -9.05
C ARG A 3 -10.89 8.67 -9.39
N LYS A 4 -10.13 8.02 -8.52
CA LYS A 4 -8.71 7.84 -8.72
C LYS A 4 -8.44 6.38 -9.05
N GLN A 5 -7.37 6.13 -9.79
CA GLN A 5 -6.98 4.78 -10.14
C GLN A 5 -5.65 4.46 -9.48
N CYS A 6 -5.20 3.22 -9.64
CA CYS A 6 -3.88 2.81 -9.19
C CYS A 6 -2.84 3.78 -9.72
N GLN A 7 -2.16 4.46 -8.80
CA GLN A 7 -1.21 5.50 -9.18
C GLN A 7 0.00 4.93 -9.91
N VAL A 8 0.13 3.61 -9.90
CA VAL A 8 1.25 2.95 -10.56
C VAL A 8 0.84 2.40 -11.91
N CYS A 9 -0.33 1.77 -11.98
CA CYS A 9 -0.79 1.17 -13.21
C CYS A 9 -2.26 1.53 -13.46
N GLY A 10 -2.69 1.54 -14.71
CA GLY A 10 -4.03 2.04 -15.02
C GLY A 10 -5.12 1.00 -14.78
N GLN A 11 -5.01 0.25 -13.70
CA GLN A 11 -6.02 -0.73 -13.35
C GLN A 11 -6.85 -0.26 -12.16
N PRO A 12 -8.11 -0.72 -12.06
CA PRO A 12 -8.98 -0.39 -10.93
C PRO A 12 -8.36 -0.81 -9.60
N ALA A 13 -8.17 0.14 -8.71
CA ALA A 13 -7.56 -0.11 -7.42
C ALA A 13 -8.59 -0.64 -6.43
N THR A 14 -8.43 -1.89 -6.03
CA THR A 14 -9.36 -2.50 -5.10
C THR A 14 -9.00 -2.16 -3.65
N VAL A 15 -7.80 -1.63 -3.45
CA VAL A 15 -7.33 -1.31 -2.11
C VAL A 15 -7.16 0.18 -1.92
N ARG A 16 -7.86 0.73 -0.93
CA ARG A 16 -7.68 2.11 -0.57
C ARG A 16 -6.68 2.21 0.58
N VAL A 17 -5.60 2.91 0.35
CA VAL A 17 -4.57 3.06 1.37
C VAL A 17 -4.63 4.46 1.95
N GLU A 18 -4.98 4.54 3.23
CA GLU A 18 -5.07 5.82 3.90
C GLU A 18 -3.85 6.04 4.78
N ALA A 19 -3.01 6.98 4.39
CA ALA A 19 -1.79 7.27 5.12
C ALA A 19 -1.89 8.63 5.80
N ASN A 20 -1.57 8.68 7.08
CA ASN A 20 -1.66 9.92 7.82
C ASN A 20 -0.34 10.68 7.73
N LEU A 21 -0.41 11.89 7.22
CA LEU A 21 0.75 12.76 7.13
C LEU A 21 0.49 14.05 7.88
N ASN A 22 0.97 14.13 9.12
CA ASN A 22 0.79 15.31 9.96
C ASN A 22 -0.69 15.60 10.18
N GLY A 23 -1.49 14.55 10.25
CA GLY A 23 -2.92 14.71 10.45
C GLY A 23 -3.69 14.66 9.13
N ARG A 24 -3.00 14.89 8.03
CA ARG A 24 -3.61 14.88 6.72
C ARG A 24 -3.87 13.44 6.27
N HIS A 25 -5.09 13.16 5.87
CA HIS A 25 -5.45 11.83 5.42
C HIS A 25 -5.16 11.69 3.93
N SER A 26 -4.06 11.04 3.61
CA SER A 26 -3.67 10.84 2.22
C SER A 26 -4.25 9.53 1.70
N THR A 27 -5.17 9.64 0.75
CA THR A 27 -5.78 8.46 0.17
C THR A 27 -5.03 8.05 -1.10
N MET A 28 -4.30 6.95 -0.99
CA MET A 28 -3.54 6.42 -2.12
C MET A 28 -4.19 5.13 -2.61
N LEU A 29 -4.41 5.02 -3.90
CA LEU A 29 -5.08 3.86 -4.46
C LEU A 29 -4.11 2.95 -5.19
N LEU A 30 -4.09 1.70 -4.76
CA LEU A 30 -3.24 0.69 -5.36
C LEU A 30 -4.04 -0.59 -5.61
N CYS A 31 -3.60 -1.38 -6.58
CA CYS A 31 -4.16 -2.71 -6.76
C CYS A 31 -3.70 -3.60 -5.61
N ASP A 32 -4.33 -4.77 -5.48
CA ASP A 32 -4.04 -5.68 -4.39
C ASP A 32 -2.59 -6.15 -4.41
N ASP A 33 -2.09 -6.47 -5.60
CA ASP A 33 -0.72 -6.95 -5.74
C ASP A 33 0.27 -5.88 -5.34
N HIS A 34 -0.04 -4.63 -5.67
CA HIS A 34 0.83 -3.51 -5.34
C HIS A 34 0.89 -3.32 -3.84
N TYR A 35 -0.28 -3.38 -3.21
CA TYR A 35 -0.40 -3.17 -1.77
C TYR A 35 0.34 -4.27 -1.02
N ARG A 36 0.17 -5.51 -1.47
CA ARG A 36 0.88 -6.63 -0.89
C ARG A 36 2.39 -6.44 -1.04
N GLN A 37 2.81 -5.95 -2.20
CA GLN A 37 4.22 -5.70 -2.46
C GLN A 37 4.72 -4.55 -1.59
N LEU A 38 3.85 -3.57 -1.32
CA LEU A 38 4.21 -2.41 -0.51
C LEU A 38 4.41 -2.83 0.95
N VAL A 39 3.48 -3.62 1.45
CA VAL A 39 3.58 -4.14 2.82
C VAL A 39 4.78 -5.09 2.93
N ARG A 40 5.08 -5.77 1.83
CA ARG A 40 6.22 -6.68 1.76
C ARG A 40 7.54 -5.93 1.93
N GLN A 41 7.56 -4.68 1.47
CA GLN A 41 8.76 -3.84 1.60
C GLN A 41 9.03 -3.51 3.05
N GLN A 42 7.97 -3.51 3.86
CA GLN A 42 8.07 -3.18 5.27
C GLN A 42 8.54 -4.39 6.07
N LYS A 43 8.96 -5.44 5.37
CA LYS A 43 9.38 -6.69 6.00
C LYS A 43 8.19 -7.35 6.69
N ARG A 44 8.44 -8.40 7.44
CA ARG A 44 7.38 -9.07 8.17
C ARG A 44 7.54 -8.86 9.66
N THR A 45 6.47 -8.43 10.31
CA THR A 45 6.50 -8.10 11.72
C THR A 45 6.58 -9.36 12.60
N VAL A 46 5.45 -10.05 12.72
CA VAL A 46 5.38 -11.24 13.54
C VAL A 46 4.83 -12.40 12.72
N TRP A 47 5.71 -13.13 12.07
CA TRP A 47 5.31 -14.23 11.21
C TRP A 47 6.19 -15.45 11.50
N SER A 48 5.56 -16.57 11.77
CA SER A 48 6.28 -17.79 12.09
C SER A 48 5.88 -18.89 11.11
N HIS A 49 6.86 -19.64 10.64
CA HIS A 49 6.63 -20.73 9.71
C HIS A 49 7.65 -21.85 9.94
N PRO A 50 7.17 -23.09 10.08
CA PRO A 50 8.03 -24.26 10.29
C PRO A 50 9.05 -24.42 9.17
N GLN A 51 10.32 -24.30 9.51
CA GLN A 51 11.39 -24.49 8.55
C GLN A 51 11.99 -25.88 8.73
N PHE A 52 12.37 -26.18 9.95
CA PHE A 52 12.85 -27.51 10.31
C PHE A 52 12.06 -28.02 11.49
N GLU A 53 11.05 -27.25 11.86
CA GLU A 53 10.18 -27.59 12.96
C GLU A 53 9.20 -28.69 12.56
N LYS A 54 8.85 -29.54 13.50
CA LYS A 54 7.92 -30.63 13.24
C LYS A 54 6.87 -30.69 14.34
N MET A 1 -4.63 11.39 -10.95
CA MET A 1 -5.96 10.74 -10.80
C MET A 1 -6.97 11.36 -11.76
N ALA A 2 -7.31 10.62 -12.82
CA ALA A 2 -8.29 11.07 -13.79
C ALA A 2 -9.70 10.99 -13.20
N ARG A 3 -9.97 9.89 -12.51
CA ARG A 3 -11.23 9.72 -11.78
C ARG A 3 -10.99 8.89 -10.53
N LYS A 4 -10.56 7.65 -10.73
CA LYS A 4 -10.18 6.76 -9.63
C LYS A 4 -9.57 5.49 -10.19
N GLN A 5 -8.26 5.37 -10.11
CA GLN A 5 -7.56 4.19 -10.57
C GLN A 5 -6.22 4.03 -9.86
N CYS A 6 -5.56 2.94 -10.13
CA CYS A 6 -4.20 2.72 -9.69
C CYS A 6 -3.28 3.75 -10.32
N GLN A 7 -2.57 4.52 -9.51
CA GLN A 7 -1.66 5.54 -10.03
C GLN A 7 -0.37 4.94 -10.56
N VAL A 8 -0.22 3.61 -10.41
CA VAL A 8 0.97 2.93 -10.88
C VAL A 8 0.70 2.14 -12.15
N CYS A 9 -0.45 1.51 -12.23
CA CYS A 9 -0.81 0.76 -13.44
C CYS A 9 -2.24 1.11 -13.84
N GLY A 10 -2.63 0.79 -15.06
CA GLY A 10 -3.92 1.21 -15.56
C GLY A 10 -5.06 0.29 -15.15
N GLN A 11 -4.93 -0.38 -14.02
CA GLN A 11 -5.97 -1.25 -13.52
C GLN A 11 -6.73 -0.55 -12.38
N PRO A 12 -8.01 -0.90 -12.18
CA PRO A 12 -8.82 -0.35 -11.09
C PRO A 12 -8.13 -0.49 -9.72
N ALA A 13 -8.32 0.49 -8.86
CA ALA A 13 -7.70 0.48 -7.55
C ALA A 13 -8.51 -0.39 -6.59
N THR A 14 -8.07 -1.62 -6.43
CA THR A 14 -8.76 -2.60 -5.61
C THR A 14 -8.59 -2.33 -4.11
N VAL A 15 -7.65 -1.46 -3.77
CA VAL A 15 -7.44 -1.07 -2.37
C VAL A 15 -7.30 0.44 -2.25
N ARG A 16 -7.39 0.92 -1.03
CA ARG A 16 -7.18 2.33 -0.74
C ARG A 16 -6.28 2.45 0.47
N VAL A 17 -5.17 3.14 0.32
CA VAL A 17 -4.24 3.29 1.43
C VAL A 17 -4.56 4.58 2.17
N GLU A 18 -4.96 4.44 3.42
CA GLU A 18 -5.40 5.58 4.23
C GLU A 18 -4.57 5.64 5.50
N ALA A 19 -3.98 6.80 5.76
CA ALA A 19 -3.14 6.98 6.93
C ALA A 19 -3.25 8.40 7.46
N ASN A 20 -3.72 8.54 8.68
CA ASN A 20 -3.84 9.86 9.31
C ASN A 20 -2.51 10.22 9.96
N LEU A 21 -1.85 11.21 9.41
CA LEU A 21 -0.53 11.61 9.88
C LEU A 21 -0.47 13.10 10.15
N ASN A 22 -0.47 13.45 11.44
CA ASN A 22 -0.31 14.83 11.88
C ASN A 22 -1.42 15.73 11.33
N GLY A 23 -2.61 15.18 11.20
CA GLY A 23 -3.74 15.94 10.72
C GLY A 23 -4.01 15.73 9.24
N ARG A 24 -3.01 15.23 8.53
CA ARG A 24 -3.16 14.98 7.10
C ARG A 24 -3.63 13.54 6.87
N HIS A 25 -4.69 13.38 6.10
CA HIS A 25 -5.17 12.05 5.76
C HIS A 25 -4.56 11.60 4.43
N SER A 26 -3.62 10.67 4.50
CA SER A 26 -2.96 10.15 3.32
C SER A 26 -3.90 9.22 2.56
N THR A 27 -3.96 9.38 1.26
CA THR A 27 -4.79 8.52 0.42
C THR A 27 -4.03 8.07 -0.82
N MET A 28 -3.82 6.78 -0.95
CA MET A 28 -3.09 6.23 -2.09
C MET A 28 -3.94 5.18 -2.79
N LEU A 29 -4.15 5.35 -4.09
CA LEU A 29 -4.97 4.43 -4.87
C LEU A 29 -4.10 3.41 -5.59
N LEU A 30 -4.20 2.16 -5.16
CA LEU A 30 -3.39 1.09 -5.71
C LEU A 30 -4.22 -0.18 -5.89
N CYS A 31 -3.66 -1.15 -6.59
CA CYS A 31 -4.23 -2.49 -6.62
C CYS A 31 -3.77 -3.23 -5.37
N ASP A 32 -4.48 -4.31 -5.03
CA ASP A 32 -4.17 -5.09 -3.84
C ASP A 32 -2.76 -5.67 -3.93
N ASP A 33 -2.38 -6.12 -5.12
CA ASP A 33 -1.07 -6.70 -5.34
C ASP A 33 0.03 -5.68 -5.09
N HIS A 34 -0.25 -4.43 -5.44
CA HIS A 34 0.71 -3.35 -5.21
C HIS A 34 0.88 -3.13 -3.72
N TYR A 35 -0.24 -3.15 -3.02
CA TYR A 35 -0.24 -2.97 -1.57
C TYR A 35 0.49 -4.12 -0.90
N ARG A 36 0.26 -5.34 -1.40
CA ARG A 36 0.97 -6.51 -0.91
C ARG A 36 2.47 -6.31 -1.03
N GLN A 37 2.89 -5.81 -2.17
CA GLN A 37 4.30 -5.58 -2.43
C GLN A 37 4.84 -4.46 -1.55
N LEU A 38 4.02 -3.47 -1.27
CA LEU A 38 4.39 -2.35 -0.42
C LEU A 38 4.58 -2.84 1.02
N VAL A 39 3.64 -3.64 1.48
CA VAL A 39 3.70 -4.22 2.83
C VAL A 39 4.85 -5.22 2.91
N ARG A 40 5.10 -5.91 1.80
CA ARG A 40 6.23 -6.82 1.70
C ARG A 40 7.54 -6.06 1.93
N GLN A 41 7.59 -4.84 1.42
CA GLN A 41 8.77 -3.99 1.58
C GLN A 41 8.89 -3.49 3.02
N GLN A 42 7.76 -3.45 3.71
CA GLN A 42 7.73 -2.96 5.10
C GLN A 42 8.40 -3.97 6.03
N LYS A 43 8.12 -5.24 5.82
CA LYS A 43 8.74 -6.30 6.62
C LYS A 43 10.09 -6.71 6.03
N ARG A 44 10.14 -6.87 4.72
CA ARG A 44 11.37 -7.25 4.04
C ARG A 44 11.85 -6.10 3.17
N THR A 45 12.58 -5.18 3.78
CA THR A 45 13.15 -4.08 3.04
C THR A 45 14.45 -4.52 2.37
N VAL A 46 14.31 -4.99 1.13
CA VAL A 46 15.45 -5.45 0.36
C VAL A 46 15.32 -4.96 -1.08
N TRP A 47 16.44 -4.52 -1.64
CA TRP A 47 16.46 -4.05 -3.01
C TRP A 47 17.40 -4.90 -3.82
N SER A 48 18.61 -5.08 -3.30
CA SER A 48 19.60 -5.93 -3.94
C SER A 48 19.58 -7.32 -3.31
N HIS A 49 19.10 -8.30 -4.05
CA HIS A 49 19.05 -9.67 -3.57
C HIS A 49 20.01 -10.54 -4.37
N PRO A 50 21.20 -10.83 -3.81
CA PRO A 50 22.21 -11.65 -4.49
C PRO A 50 21.74 -13.09 -4.68
N GLN A 51 21.43 -13.44 -5.92
CA GLN A 51 21.04 -14.80 -6.27
C GLN A 51 21.53 -15.11 -7.68
N PHE A 52 21.02 -14.34 -8.64
CA PHE A 52 21.51 -14.43 -10.00
C PHE A 52 22.57 -13.38 -10.23
N GLU A 53 22.39 -12.24 -9.57
CA GLU A 53 23.37 -11.17 -9.59
C GLU A 53 24.03 -11.07 -8.22
N LYS A 54 25.19 -11.69 -8.09
CA LYS A 54 25.88 -11.77 -6.81
C LYS A 54 27.36 -11.52 -6.98
N MET A 1 -11.99 15.97 -11.24
CA MET A 1 -10.83 15.21 -10.75
C MET A 1 -11.29 14.12 -9.79
N ALA A 2 -10.97 12.87 -10.12
CA ALA A 2 -11.32 11.75 -9.27
C ALA A 2 -10.13 10.82 -9.12
N ARG A 3 -9.95 10.28 -7.93
CA ARG A 3 -8.84 9.39 -7.67
C ARG A 3 -9.36 8.02 -7.25
N LYS A 4 -9.70 7.20 -8.24
CA LYS A 4 -10.22 5.86 -7.99
C LYS A 4 -9.45 4.85 -8.82
N GLN A 5 -8.35 5.28 -9.38
CA GLN A 5 -7.51 4.43 -10.20
C GLN A 5 -6.14 4.29 -9.57
N CYS A 6 -5.52 3.13 -9.80
CA CYS A 6 -4.20 2.82 -9.28
C CYS A 6 -3.21 3.93 -9.63
N GLN A 7 -2.45 4.36 -8.63
CA GLN A 7 -1.47 5.42 -8.83
C GLN A 7 -0.28 4.91 -9.62
N VAL A 8 -0.02 3.62 -9.53
CA VAL A 8 1.14 3.02 -10.17
C VAL A 8 0.81 2.49 -11.57
N CYS A 9 -0.29 1.75 -11.69
CA CYS A 9 -0.65 1.18 -12.97
C CYS A 9 -2.03 1.70 -13.40
N GLY A 10 -2.41 1.48 -14.64
CA GLY A 10 -3.63 2.08 -15.16
C GLY A 10 -4.86 1.20 -14.96
N GLN A 11 -4.84 0.36 -13.94
CA GLN A 11 -5.94 -0.53 -13.65
C GLN A 11 -6.69 -0.04 -12.41
N PRO A 12 -7.98 -0.41 -12.26
CA PRO A 12 -8.79 0.01 -11.11
C PRO A 12 -8.19 -0.44 -9.78
N ALA A 13 -8.28 0.42 -8.78
CA ALA A 13 -7.71 0.14 -7.47
C ALA A 13 -8.66 -0.71 -6.64
N THR A 14 -8.18 -1.87 -6.20
CA THR A 14 -8.97 -2.76 -5.39
C THR A 14 -8.81 -2.44 -3.90
N VAL A 15 -7.74 -1.74 -3.56
CA VAL A 15 -7.50 -1.36 -2.18
C VAL A 15 -7.29 0.15 -2.05
N ARG A 16 -7.54 0.65 -0.87
CA ARG A 16 -7.34 2.05 -0.57
C ARG A 16 -6.46 2.19 0.66
N VAL A 17 -5.29 2.80 0.50
CA VAL A 17 -4.37 2.96 1.60
C VAL A 17 -4.38 4.41 2.07
N GLU A 18 -4.83 4.62 3.29
CA GLU A 18 -4.90 5.97 3.84
C GLU A 18 -3.71 6.21 4.76
N ALA A 19 -2.98 7.29 4.51
CA ALA A 19 -1.81 7.62 5.29
C ALA A 19 -1.88 9.05 5.79
N ASN A 20 -1.63 9.24 7.07
CA ASN A 20 -1.63 10.58 7.67
C ASN A 20 -0.24 11.18 7.55
N LEU A 21 -0.06 12.03 6.54
CA LEU A 21 1.24 12.63 6.27
C LEU A 21 1.28 14.05 6.78
N ASN A 22 1.99 14.26 7.89
CA ASN A 22 2.12 15.58 8.51
C ASN A 22 0.74 16.14 8.87
N GLY A 23 -0.18 15.26 9.22
CA GLY A 23 -1.52 15.69 9.58
C GLY A 23 -2.49 15.56 8.43
N ARG A 24 -1.98 15.55 7.21
CA ARG A 24 -2.82 15.49 6.02
C ARG A 24 -3.17 14.03 5.69
N HIS A 25 -4.45 13.75 5.53
CA HIS A 25 -4.90 12.40 5.23
C HIS A 25 -4.80 12.16 3.72
N SER A 26 -3.86 11.31 3.33
CA SER A 26 -3.64 11.03 1.92
C SER A 26 -4.22 9.68 1.53
N THR A 27 -4.96 9.65 0.43
CA THR A 27 -5.53 8.40 -0.05
C THR A 27 -4.67 7.84 -1.20
N MET A 28 -4.10 6.67 -0.97
CA MET A 28 -3.27 6.02 -1.98
C MET A 28 -4.05 4.87 -2.61
N LEU A 29 -4.34 4.99 -3.89
CA LEU A 29 -5.12 3.98 -4.61
C LEU A 29 -4.22 2.96 -5.27
N LEU A 30 -4.35 1.71 -4.85
CA LEU A 30 -3.50 0.64 -5.35
C LEU A 30 -4.32 -0.61 -5.65
N CYS A 31 -3.76 -1.49 -6.47
CA CYS A 31 -4.32 -2.82 -6.63
C CYS A 31 -3.83 -3.71 -5.49
N ASP A 32 -4.47 -4.85 -5.31
CA ASP A 32 -4.14 -5.76 -4.21
C ASP A 32 -2.69 -6.25 -4.33
N ASP A 33 -2.26 -6.43 -5.57
CA ASP A 33 -0.89 -6.87 -5.86
C ASP A 33 0.13 -5.84 -5.38
N HIS A 34 -0.22 -4.57 -5.55
CA HIS A 34 0.67 -3.48 -5.18
C HIS A 34 0.76 -3.38 -3.67
N TYR A 35 -0.39 -3.53 -3.02
CA TYR A 35 -0.47 -3.47 -1.56
C TYR A 35 0.38 -4.58 -0.96
N ARG A 36 0.38 -5.73 -1.62
CA ARG A 36 1.19 -6.86 -1.19
C ARG A 36 2.67 -6.52 -1.29
N GLN A 37 3.04 -5.84 -2.38
CA GLN A 37 4.42 -5.41 -2.57
C GLN A 37 4.79 -4.32 -1.56
N LEU A 38 3.88 -3.39 -1.35
CA LEU A 38 4.08 -2.30 -0.40
C LEU A 38 4.29 -2.86 1.01
N VAL A 39 3.34 -3.66 1.47
CA VAL A 39 3.41 -4.26 2.79
C VAL A 39 4.65 -5.15 2.91
N ARG A 40 5.03 -5.78 1.81
CA ARG A 40 6.20 -6.65 1.76
C ARG A 40 7.47 -5.87 2.17
N GLN A 41 7.48 -4.58 1.88
CA GLN A 41 8.62 -3.73 2.21
C GLN A 41 8.43 -3.10 3.60
N GLN A 42 7.17 -2.93 4.00
CA GLN A 42 6.85 -2.31 5.29
C GLN A 42 7.09 -3.29 6.44
N LYS A 43 6.98 -4.58 6.15
CA LYS A 43 7.22 -5.61 7.15
C LYS A 43 8.48 -6.39 6.79
N ARG A 44 8.94 -7.22 7.71
CA ARG A 44 10.10 -8.07 7.46
C ARG A 44 9.69 -9.52 7.30
N THR A 45 8.64 -9.90 8.03
CA THR A 45 8.08 -11.26 7.97
C THR A 45 9.02 -12.28 8.61
N VAL A 46 10.14 -12.55 7.95
CA VAL A 46 11.12 -13.51 8.42
C VAL A 46 12.42 -13.34 7.63
N TRP A 47 13.55 -13.68 8.24
CA TRP A 47 14.83 -13.52 7.57
C TRP A 47 15.12 -14.71 6.67
N SER A 48 14.55 -14.68 5.47
CA SER A 48 14.80 -15.71 4.48
C SER A 48 16.25 -15.65 4.03
N HIS A 49 16.82 -16.82 3.73
CA HIS A 49 18.23 -16.95 3.36
C HIS A 49 19.11 -16.53 4.54
N PRO A 50 19.44 -17.49 5.42
CA PRO A 50 20.24 -17.22 6.62
C PRO A 50 21.70 -16.92 6.29
N GLN A 51 22.24 -15.91 6.96
CA GLN A 51 23.64 -15.53 6.77
C GLN A 51 24.36 -15.56 8.11
N PHE A 52 23.74 -14.95 9.10
CA PHE A 52 24.27 -14.94 10.45
C PHE A 52 23.26 -15.56 11.39
N GLU A 53 22.14 -15.96 10.80
CA GLU A 53 21.03 -16.55 11.54
C GLU A 53 21.33 -18.00 11.84
N LYS A 54 21.75 -18.28 13.05
CA LYS A 54 22.16 -19.61 13.45
C LYS A 54 21.29 -20.12 14.58
N MET A 1 -8.84 12.43 -4.07
CA MET A 1 -8.89 11.36 -5.09
C MET A 1 -10.29 10.76 -5.16
N ALA A 2 -11.10 11.28 -6.07
CA ALA A 2 -12.46 10.80 -6.24
C ALA A 2 -12.47 9.51 -7.06
N ARG A 3 -11.46 9.33 -7.88
CA ARG A 3 -11.35 8.15 -8.72
C ARG A 3 -10.41 7.14 -8.08
N LYS A 4 -10.87 5.91 -7.95
CA LYS A 4 -10.01 4.85 -7.40
C LYS A 4 -9.20 4.20 -8.51
N GLN A 5 -8.24 4.96 -9.03
CA GLN A 5 -7.37 4.48 -10.08
C GLN A 5 -5.96 4.29 -9.55
N CYS A 6 -5.37 3.15 -9.88
CA CYS A 6 -4.05 2.77 -9.39
C CYS A 6 -3.02 3.84 -9.70
N GLN A 7 -2.25 4.22 -8.68
CA GLN A 7 -1.22 5.23 -8.81
C GLN A 7 -0.06 4.71 -9.66
N VAL A 8 0.05 3.40 -9.74
CA VAL A 8 1.17 2.77 -10.45
C VAL A 8 0.76 2.27 -11.84
N CYS A 9 -0.36 1.56 -11.91
CA CYS A 9 -0.78 1.00 -13.18
C CYS A 9 -2.16 1.53 -13.54
N GLY A 10 -2.61 1.29 -14.77
CA GLY A 10 -3.85 1.89 -15.23
C GLY A 10 -5.08 1.05 -14.93
N GLN A 11 -4.96 0.14 -13.97
CA GLN A 11 -6.08 -0.70 -13.59
C GLN A 11 -6.83 -0.12 -12.39
N PRO A 12 -8.15 -0.37 -12.29
CA PRO A 12 -8.95 0.08 -11.16
C PRO A 12 -8.40 -0.44 -9.83
N ALA A 13 -8.23 0.46 -8.88
CA ALA A 13 -7.66 0.10 -7.58
C ALA A 13 -8.75 -0.33 -6.62
N THR A 14 -8.65 -1.55 -6.12
CA THR A 14 -9.63 -2.06 -5.18
C THR A 14 -9.20 -1.76 -3.73
N VAL A 15 -7.95 -1.40 -3.54
CA VAL A 15 -7.42 -1.15 -2.21
C VAL A 15 -7.07 0.32 -2.03
N ARG A 16 -7.70 0.94 -1.04
CA ARG A 16 -7.36 2.31 -0.67
C ARG A 16 -6.40 2.28 0.50
N VAL A 17 -5.17 2.73 0.27
CA VAL A 17 -4.20 2.82 1.35
C VAL A 17 -4.24 4.23 1.90
N GLU A 18 -4.68 4.37 3.14
CA GLU A 18 -4.92 5.68 3.70
C GLU A 18 -4.33 5.77 5.10
N ALA A 19 -3.38 6.68 5.25
CA ALA A 19 -2.70 6.89 6.52
C ALA A 19 -2.13 8.30 6.56
N ASN A 20 -1.67 8.72 7.72
CA ASN A 20 -1.10 10.06 7.85
C ASN A 20 0.33 10.09 7.32
N LEU A 21 0.47 10.61 6.11
CA LEU A 21 1.77 10.79 5.50
C LEU A 21 2.14 12.26 5.55
N ASN A 22 3.26 12.57 6.19
CA ASN A 22 3.68 13.95 6.42
C ASN A 22 2.63 14.69 7.22
N GLY A 23 1.95 13.97 8.11
CA GLY A 23 0.94 14.57 8.96
C GLY A 23 -0.46 14.53 8.37
N ARG A 24 -0.55 14.48 7.05
CA ARG A 24 -1.84 14.55 6.36
C ARG A 24 -2.31 13.16 5.92
N HIS A 25 -3.60 12.88 6.10
CA HIS A 25 -4.17 11.62 5.64
C HIS A 25 -4.08 11.53 4.12
N SER A 26 -3.33 10.56 3.64
CA SER A 26 -3.09 10.43 2.21
C SER A 26 -3.72 9.15 1.67
N THR A 27 -4.45 9.29 0.57
CA THR A 27 -5.09 8.15 -0.06
C THR A 27 -4.29 7.66 -1.26
N MET A 28 -3.66 6.50 -1.10
CA MET A 28 -2.88 5.90 -2.16
C MET A 28 -3.68 4.77 -2.79
N LEU A 29 -4.06 4.94 -4.06
CA LEU A 29 -4.88 3.97 -4.75
C LEU A 29 -4.00 2.88 -5.39
N LEU A 30 -4.16 1.66 -4.91
CA LEU A 30 -3.36 0.54 -5.39
C LEU A 30 -4.21 -0.70 -5.62
N CYS A 31 -3.77 -1.55 -6.55
CA CYS A 31 -4.36 -2.85 -6.72
C CYS A 31 -3.88 -3.77 -5.58
N ASP A 32 -4.50 -4.93 -5.45
CA ASP A 32 -4.17 -5.86 -4.36
C ASP A 32 -2.72 -6.31 -4.44
N ASP A 33 -2.25 -6.53 -5.65
CA ASP A 33 -0.88 -6.94 -5.89
C ASP A 33 0.11 -5.88 -5.40
N HIS A 34 -0.18 -4.63 -5.72
CA HIS A 34 0.69 -3.53 -5.35
C HIS A 34 0.70 -3.37 -3.84
N TYR A 35 -0.49 -3.55 -3.25
CA TYR A 35 -0.66 -3.42 -1.82
C TYR A 35 0.22 -4.41 -1.09
N ARG A 36 0.27 -5.64 -1.60
CA ARG A 36 1.12 -6.68 -1.03
C ARG A 36 2.58 -6.23 -1.08
N GLN A 37 2.96 -5.65 -2.22
CA GLN A 37 4.31 -5.18 -2.42
C GLN A 37 4.60 -3.98 -1.52
N LEU A 38 3.61 -3.12 -1.33
CA LEU A 38 3.75 -1.95 -0.47
C LEU A 38 3.91 -2.39 0.98
N VAL A 39 3.14 -3.38 1.39
CA VAL A 39 3.23 -3.90 2.76
C VAL A 39 4.65 -4.40 3.06
N ARG A 40 5.27 -5.04 2.07
CA ARG A 40 6.63 -5.56 2.25
C ARG A 40 7.63 -4.41 2.34
N GLN A 41 7.35 -3.32 1.63
CA GLN A 41 8.23 -2.15 1.63
C GLN A 41 7.99 -1.30 2.87
N GLN A 42 6.74 -1.27 3.32
CA GLN A 42 6.36 -0.52 4.51
C GLN A 42 6.86 -1.21 5.77
N LYS A 43 6.59 -2.52 5.86
CA LYS A 43 6.91 -3.30 7.04
C LYS A 43 6.23 -2.70 8.26
N ARG A 44 4.93 -2.94 8.35
CA ARG A 44 4.11 -2.37 9.42
C ARG A 44 4.10 -3.28 10.64
N THR A 45 4.84 -4.37 10.55
CA THR A 45 4.96 -5.29 11.66
C THR A 45 6.43 -5.47 12.03
N VAL A 46 6.70 -5.68 13.30
CA VAL A 46 8.05 -5.90 13.78
C VAL A 46 8.14 -7.28 14.40
N TRP A 47 8.39 -8.28 13.56
CA TRP A 47 8.41 -9.66 14.01
C TRP A 47 9.32 -10.50 13.12
N SER A 48 10.37 -11.03 13.72
CA SER A 48 11.26 -11.95 13.03
C SER A 48 10.84 -13.38 13.30
N HIS A 49 10.56 -14.13 12.24
CA HIS A 49 10.09 -15.50 12.36
C HIS A 49 11.12 -16.36 13.09
N PRO A 50 10.71 -17.00 14.20
CA PRO A 50 11.60 -17.87 14.97
C PRO A 50 11.86 -19.19 14.24
N GLN A 51 12.75 -19.12 13.26
CA GLN A 51 13.11 -20.30 12.48
C GLN A 51 13.72 -21.36 13.40
N PHE A 52 14.81 -21.00 14.05
CA PHE A 52 15.42 -21.85 15.06
C PHE A 52 16.18 -20.99 16.08
N GLU A 53 17.03 -20.11 15.58
CA GLU A 53 17.80 -19.21 16.45
C GLU A 53 17.48 -17.76 16.12
N LYS A 54 16.42 -17.56 15.38
CA LYS A 54 16.00 -16.22 14.96
C LYS A 54 15.24 -15.53 16.09
N MET A 1 -14.44 3.08 -11.05
CA MET A 1 -14.39 4.48 -10.57
C MET A 1 -13.14 5.18 -11.07
N ALA A 2 -13.33 6.26 -11.82
CA ALA A 2 -12.21 7.00 -12.41
C ALA A 2 -11.39 7.71 -11.35
N ARG A 3 -12.03 7.98 -10.20
CA ARG A 3 -11.35 8.63 -9.09
C ARG A 3 -10.44 7.66 -8.36
N LYS A 4 -10.74 6.37 -8.46
CA LYS A 4 -10.00 5.36 -7.74
C LYS A 4 -9.25 4.42 -8.69
N GLN A 5 -8.14 4.89 -9.20
CA GLN A 5 -7.27 4.08 -10.03
C GLN A 5 -5.90 4.01 -9.40
N CYS A 6 -5.19 2.92 -9.64
CA CYS A 6 -3.83 2.76 -9.12
C CYS A 6 -2.96 3.91 -9.63
N GLN A 7 -2.19 4.51 -8.74
CA GLN A 7 -1.32 5.62 -9.11
C GLN A 7 -0.27 5.19 -10.14
N VAL A 8 -0.11 3.88 -10.28
CA VAL A 8 0.84 3.32 -11.24
C VAL A 8 0.12 2.73 -12.45
N CYS A 9 -1.09 2.20 -12.24
CA CYS A 9 -1.82 1.53 -13.30
C CYS A 9 -3.17 2.21 -13.53
N GLY A 10 -3.54 2.39 -14.79
CA GLY A 10 -4.80 3.05 -15.10
C GLY A 10 -6.00 2.13 -14.94
N GLN A 11 -5.85 1.10 -14.13
CA GLN A 11 -6.94 0.17 -13.87
C GLN A 11 -7.47 0.39 -12.45
N PRO A 12 -8.75 0.07 -12.21
CA PRO A 12 -9.36 0.18 -10.89
C PRO A 12 -8.51 -0.45 -9.79
N ALA A 13 -8.22 0.34 -8.77
CA ALA A 13 -7.39 -0.10 -7.66
C ALA A 13 -8.13 -1.10 -6.79
N THR A 14 -7.45 -2.17 -6.42
CA THR A 14 -8.03 -3.22 -5.59
C THR A 14 -8.14 -2.78 -4.14
N VAL A 15 -7.21 -1.94 -3.70
CA VAL A 15 -7.18 -1.49 -2.31
C VAL A 15 -7.05 0.02 -2.21
N ARG A 16 -7.27 0.52 -1.01
CA ARG A 16 -7.09 1.93 -0.72
C ARG A 16 -6.20 2.10 0.51
N VAL A 17 -5.10 2.80 0.35
CA VAL A 17 -4.16 2.99 1.44
C VAL A 17 -4.24 4.42 1.95
N GLU A 18 -4.60 4.58 3.21
CA GLU A 18 -4.75 5.91 3.79
C GLU A 18 -3.46 6.33 4.48
N ALA A 19 -2.88 7.43 3.99
CA ALA A 19 -1.63 7.93 4.53
C ALA A 19 -1.75 9.40 4.90
N ASN A 20 -1.46 9.72 6.15
CA ASN A 20 -1.51 11.08 6.63
C ASN A 20 -0.15 11.74 6.45
N LEU A 21 -0.10 12.74 5.59
CA LEU A 21 1.14 13.44 5.30
C LEU A 21 0.95 14.95 5.45
N ASN A 22 1.72 15.55 6.35
CA ASN A 22 1.66 16.99 6.61
C ASN A 22 0.27 17.37 7.09
N GLY A 23 -0.36 16.47 7.83
CA GLY A 23 -1.69 16.75 8.37
C GLY A 23 -2.79 16.44 7.38
N ARG A 24 -2.42 16.32 6.11
CA ARG A 24 -3.37 16.01 5.06
C ARG A 24 -3.63 14.51 4.99
N HIS A 25 -4.89 14.12 5.05
CA HIS A 25 -5.26 12.72 4.93
C HIS A 25 -5.37 12.36 3.47
N SER A 26 -4.35 11.72 2.93
CA SER A 26 -4.32 11.41 1.52
C SER A 26 -4.50 9.91 1.29
N THR A 27 -5.40 9.57 0.39
CA THR A 27 -5.66 8.17 0.08
C THR A 27 -4.88 7.77 -1.18
N MET A 28 -4.14 6.69 -1.06
CA MET A 28 -3.38 6.15 -2.16
C MET A 28 -4.09 4.94 -2.74
N LEU A 29 -4.47 5.02 -4.01
CA LEU A 29 -5.14 3.92 -4.66
C LEU A 29 -4.12 3.01 -5.34
N LEU A 30 -4.13 1.74 -4.95
CA LEU A 30 -3.14 0.79 -5.41
C LEU A 30 -3.79 -0.55 -5.76
N CYS A 31 -3.16 -1.32 -6.63
CA CYS A 31 -3.61 -2.67 -6.89
C CYS A 31 -3.29 -3.54 -5.68
N ASP A 32 -3.97 -4.67 -5.54
CA ASP A 32 -3.74 -5.58 -4.42
C ASP A 32 -2.29 -6.05 -4.40
N ASP A 33 -1.75 -6.30 -5.59
CA ASP A 33 -0.39 -6.78 -5.73
C ASP A 33 0.61 -5.77 -5.20
N HIS A 34 0.29 -4.49 -5.36
CA HIS A 34 1.13 -3.41 -4.84
C HIS A 34 1.07 -3.43 -3.32
N TYR A 35 -0.14 -3.58 -2.80
CA TYR A 35 -0.36 -3.61 -1.36
C TYR A 35 0.41 -4.77 -0.75
N ARG A 36 0.46 -5.88 -1.49
CA ARG A 36 1.22 -7.04 -1.06
C ARG A 36 2.69 -6.68 -0.92
N GLN A 37 3.18 -5.86 -1.84
CA GLN A 37 4.58 -5.46 -1.83
C GLN A 37 4.89 -4.57 -0.63
N LEU A 38 4.02 -3.59 -0.37
CA LEU A 38 4.21 -2.69 0.76
C LEU A 38 4.12 -3.44 2.09
N VAL A 39 3.14 -4.32 2.19
CA VAL A 39 2.97 -5.15 3.38
C VAL A 39 4.18 -6.08 3.55
N ARG A 40 4.67 -6.59 2.43
CA ARG A 40 5.80 -7.52 2.42
C ARG A 40 7.06 -6.84 2.95
N GLN A 41 7.30 -5.60 2.55
CA GLN A 41 8.51 -4.89 2.95
C GLN A 41 8.40 -4.39 4.39
N GLN A 42 7.18 -4.27 4.88
CA GLN A 42 6.95 -3.82 6.24
C GLN A 42 7.18 -4.96 7.24
N LYS A 43 6.57 -6.11 6.95
CA LYS A 43 6.65 -7.28 7.82
C LYS A 43 6.06 -7.01 9.20
N ARG A 44 4.74 -7.01 9.27
CA ARG A 44 4.03 -6.78 10.52
C ARG A 44 3.80 -8.11 11.25
N THR A 45 3.77 -9.19 10.48
CA THR A 45 3.53 -10.52 11.04
C THR A 45 4.79 -11.10 11.68
N VAL A 46 5.80 -10.25 11.86
CA VAL A 46 7.02 -10.65 12.54
C VAL A 46 6.91 -10.31 14.01
N TRP A 47 6.60 -11.30 14.82
CA TRP A 47 6.35 -11.09 16.23
C TRP A 47 7.62 -11.32 17.05
N SER A 48 8.29 -10.23 17.39
CA SER A 48 9.44 -10.29 18.27
C SER A 48 9.04 -10.91 19.60
N HIS A 49 7.82 -10.59 20.02
CA HIS A 49 7.20 -11.20 21.18
C HIS A 49 5.69 -11.00 21.08
N PRO A 50 4.88 -12.01 21.43
CA PRO A 50 3.44 -11.96 21.26
C PRO A 50 2.77 -11.02 22.28
N GLN A 51 2.83 -9.73 21.98
CA GLN A 51 2.19 -8.72 22.81
C GLN A 51 1.71 -7.57 21.95
N PHE A 52 2.64 -6.88 21.31
CA PHE A 52 2.31 -5.74 20.45
C PHE A 52 1.56 -6.21 19.22
N GLU A 53 1.76 -7.47 18.87
CA GLU A 53 1.08 -8.08 17.74
C GLU A 53 1.13 -9.59 17.91
N LYS A 54 0.10 -10.27 17.44
CA LYS A 54 -0.02 -11.72 17.55
C LYS A 54 -1.13 -12.22 16.65
N MET A 1 -2.85 6.86 -11.64
CA MET A 1 -2.77 8.00 -10.69
C MET A 1 -3.77 7.80 -9.56
N ALA A 2 -3.36 8.11 -8.33
CA ALA A 2 -4.18 7.86 -7.15
C ALA A 2 -5.36 8.83 -7.06
N ARG A 3 -6.46 8.44 -7.68
CA ARG A 3 -7.70 9.21 -7.60
C ARG A 3 -8.88 8.24 -7.63
N LYS A 4 -9.19 7.75 -8.81
CA LYS A 4 -10.22 6.73 -8.96
C LYS A 4 -9.62 5.48 -9.59
N GLN A 5 -8.29 5.45 -9.58
CA GLN A 5 -7.54 4.33 -10.12
C GLN A 5 -6.24 4.16 -9.34
N CYS A 6 -5.52 3.10 -9.67
CA CYS A 6 -4.23 2.77 -9.04
C CYS A 6 -3.23 3.91 -9.18
N GLN A 7 -2.44 4.11 -8.13
CA GLN A 7 -1.40 5.13 -8.11
C GLN A 7 -0.28 4.77 -9.08
N VAL A 8 0.06 3.49 -9.11
CA VAL A 8 1.21 3.04 -9.88
C VAL A 8 0.82 2.65 -11.31
N CYS A 9 -0.29 1.92 -11.46
CA CYS A 9 -0.71 1.48 -12.78
C CYS A 9 -2.10 2.04 -13.07
N GLY A 10 -2.57 1.93 -14.30
CA GLY A 10 -3.84 2.55 -14.66
C GLY A 10 -5.02 1.61 -14.51
N GLN A 11 -4.87 0.59 -13.69
CA GLN A 11 -5.94 -0.37 -13.43
C GLN A 11 -6.75 0.05 -12.21
N PRO A 12 -8.04 -0.34 -12.14
CA PRO A 12 -8.86 -0.11 -10.96
C PRO A 12 -8.23 -0.68 -9.69
N ALA A 13 -8.26 0.10 -8.62
CA ALA A 13 -7.61 -0.30 -7.38
C ALA A 13 -8.63 -0.82 -6.37
N THR A 14 -8.44 -2.06 -5.95
CA THR A 14 -9.34 -2.67 -4.97
C THR A 14 -8.91 -2.31 -3.54
N VAL A 15 -7.71 -1.75 -3.39
CA VAL A 15 -7.23 -1.34 -2.09
C VAL A 15 -7.05 0.18 -2.04
N ARG A 16 -7.79 0.81 -1.16
CA ARG A 16 -7.66 2.25 -0.95
C ARG A 16 -7.00 2.50 0.40
N VAL A 17 -5.79 3.03 0.37
CA VAL A 17 -5.05 3.28 1.59
C VAL A 17 -5.04 4.77 1.91
N GLU A 18 -5.49 5.13 3.09
CA GLU A 18 -5.44 6.51 3.52
C GLU A 18 -4.38 6.67 4.60
N ALA A 19 -3.50 7.63 4.41
CA ALA A 19 -2.45 7.90 5.38
C ALA A 19 -2.29 9.39 5.60
N ASN A 20 -2.50 9.84 6.82
CA ASN A 20 -2.32 11.24 7.14
C ASN A 20 -0.89 11.49 7.57
N LEU A 21 -0.08 11.94 6.63
CA LEU A 21 1.33 12.17 6.86
C LEU A 21 1.57 13.57 7.41
N ASN A 22 1.89 13.64 8.71
CA ASN A 22 2.18 14.90 9.39
C ASN A 22 0.97 15.83 9.31
N GLY A 23 -0.22 15.25 9.34
CA GLY A 23 -1.44 16.03 9.29
C GLY A 23 -2.03 16.10 7.90
N ARG A 24 -1.19 15.99 6.88
CA ARG A 24 -1.65 16.05 5.50
C ARG A 24 -2.32 14.73 5.12
N HIS A 25 -3.53 14.80 4.60
CA HIS A 25 -4.23 13.59 4.17
C HIS A 25 -3.68 13.11 2.84
N SER A 26 -3.56 11.80 2.68
CA SER A 26 -3.07 11.23 1.44
C SER A 26 -3.82 9.94 1.13
N THR A 27 -4.54 9.94 0.02
CA THR A 27 -5.29 8.78 -0.41
C THR A 27 -4.53 8.04 -1.51
N MET A 28 -4.05 6.85 -1.18
CA MET A 28 -3.27 6.06 -2.12
C MET A 28 -4.04 4.83 -2.56
N LEU A 29 -4.40 4.77 -3.83
CA LEU A 29 -5.13 3.63 -4.36
C LEU A 29 -4.17 2.65 -5.01
N LEU A 30 -4.21 1.40 -4.55
CA LEU A 30 -3.32 0.38 -5.06
C LEU A 30 -4.08 -0.89 -5.38
N CYS A 31 -3.63 -1.62 -6.39
CA CYS A 31 -4.13 -2.97 -6.64
C CYS A 31 -3.60 -3.90 -5.56
N ASP A 32 -4.20 -5.07 -5.41
CA ASP A 32 -3.75 -6.05 -4.42
C ASP A 32 -2.30 -6.43 -4.65
N ASP A 33 -1.95 -6.53 -5.94
CA ASP A 33 -0.59 -6.85 -6.35
C ASP A 33 0.41 -5.83 -5.82
N HIS A 34 0.00 -4.58 -5.78
CA HIS A 34 0.88 -3.50 -5.35
C HIS A 34 0.92 -3.43 -3.84
N TYR A 35 -0.25 -3.57 -3.22
CA TYR A 35 -0.37 -3.50 -1.77
C TYR A 35 0.44 -4.60 -1.13
N ARG A 36 0.38 -5.78 -1.72
CA ARG A 36 1.16 -6.92 -1.26
C ARG A 36 2.64 -6.60 -1.35
N GLN A 37 3.03 -5.98 -2.45
CA GLN A 37 4.42 -5.62 -2.70
C GLN A 37 4.87 -4.54 -1.72
N LEU A 38 3.96 -3.64 -1.38
CA LEU A 38 4.26 -2.57 -0.44
C LEU A 38 4.44 -3.13 0.97
N VAL A 39 3.49 -3.98 1.39
CA VAL A 39 3.57 -4.61 2.70
C VAL A 39 4.78 -5.54 2.77
N ARG A 40 5.16 -6.09 1.63
CA ARG A 40 6.31 -6.97 1.53
C ARG A 40 7.62 -6.21 1.77
N GLN A 41 7.55 -4.89 1.66
CA GLN A 41 8.72 -4.04 1.86
C GLN A 41 8.64 -3.28 3.16
N GLN A 42 7.44 -2.88 3.54
CA GLN A 42 7.23 -2.17 4.81
C GLN A 42 7.26 -3.14 5.98
N LYS A 43 6.86 -4.37 5.71
CA LYS A 43 6.85 -5.43 6.70
C LYS A 43 7.41 -6.70 6.07
N ARG A 44 7.23 -7.84 6.73
CA ARG A 44 7.64 -9.11 6.16
C ARG A 44 6.75 -10.22 6.67
N THR A 45 6.68 -10.36 7.98
CA THR A 45 5.84 -11.37 8.59
C THR A 45 4.40 -10.89 8.67
N VAL A 46 3.60 -11.29 7.70
CA VAL A 46 2.19 -10.97 7.68
C VAL A 46 1.38 -12.19 7.27
N TRP A 47 0.54 -12.67 8.18
CA TRP A 47 -0.25 -13.87 7.92
C TRP A 47 -1.35 -13.56 6.91
N SER A 48 -1.10 -13.94 5.67
CA SER A 48 -2.05 -13.74 4.60
C SER A 48 -2.04 -14.94 3.67
N HIS A 49 -3.18 -15.60 3.56
CA HIS A 49 -3.29 -16.82 2.78
C HIS A 49 -3.94 -16.54 1.41
N PRO A 50 -3.15 -16.60 0.33
CA PRO A 50 -3.67 -16.42 -1.03
C PRO A 50 -4.58 -17.58 -1.45
N GLN A 51 -5.88 -17.35 -1.42
CA GLN A 51 -6.86 -18.36 -1.78
C GLN A 51 -7.92 -17.76 -2.68
N PHE A 52 -8.35 -16.54 -2.34
CA PHE A 52 -9.31 -15.78 -3.12
C PHE A 52 -10.72 -16.39 -3.05
N GLU A 53 -10.86 -17.45 -2.27
CA GLU A 53 -12.16 -18.07 -2.07
C GLU A 53 -12.88 -17.41 -0.91
N LYS A 54 -13.60 -16.34 -1.20
CA LYS A 54 -14.26 -15.56 -0.18
C LYS A 54 -15.76 -15.83 -0.20
N MET A 1 -17.04 3.70 -14.06
CA MET A 1 -17.04 3.45 -12.61
C MET A 1 -15.62 3.47 -12.07
N ALA A 2 -15.50 3.76 -10.77
CA ALA A 2 -14.21 3.78 -10.07
C ALA A 2 -13.21 4.73 -10.72
N ARG A 3 -13.27 6.00 -10.35
CA ARG A 3 -12.32 6.98 -10.86
C ARG A 3 -11.00 6.88 -10.11
N LYS A 4 -11.00 6.13 -9.02
CA LYS A 4 -9.77 5.87 -8.27
C LYS A 4 -9.02 4.72 -8.92
N GLN A 5 -8.02 5.06 -9.72
CA GLN A 5 -7.24 4.07 -10.43
C GLN A 5 -5.87 3.90 -9.78
N CYS A 6 -5.28 2.74 -9.97
CA CYS A 6 -3.94 2.45 -9.46
C CYS A 6 -2.94 3.47 -9.98
N GLN A 7 -2.03 3.91 -9.12
CA GLN A 7 -1.00 4.85 -9.52
C GLN A 7 -0.15 4.30 -10.66
N VAL A 8 -0.03 2.98 -10.70
CA VAL A 8 0.79 2.31 -11.71
C VAL A 8 -0.07 1.75 -12.86
N CYS A 9 -1.31 1.40 -12.57
CA CYS A 9 -2.17 0.80 -13.57
C CYS A 9 -3.39 1.67 -13.80
N GLY A 10 -3.75 1.90 -15.07
CA GLY A 10 -4.93 2.69 -15.37
C GLY A 10 -6.22 1.92 -15.12
N GLN A 11 -6.14 0.96 -14.22
CA GLN A 11 -7.28 0.13 -13.86
C GLN A 11 -7.76 0.52 -12.47
N PRO A 12 -9.06 0.37 -12.19
CA PRO A 12 -9.62 0.66 -10.87
C PRO A 12 -8.78 0.08 -9.73
N ALA A 13 -8.47 0.93 -8.75
CA ALA A 13 -7.70 0.51 -7.60
C ALA A 13 -8.52 -0.41 -6.72
N THR A 14 -8.11 -1.67 -6.67
CA THR A 14 -8.82 -2.68 -5.90
C THR A 14 -8.72 -2.43 -4.41
N VAL A 15 -7.64 -1.79 -4.00
CA VAL A 15 -7.44 -1.46 -2.59
C VAL A 15 -7.23 0.03 -2.41
N ARG A 16 -7.55 0.52 -1.24
CA ARG A 16 -7.35 1.92 -0.91
C ARG A 16 -6.44 2.03 0.31
N VAL A 17 -5.25 2.57 0.10
CA VAL A 17 -4.30 2.72 1.18
C VAL A 17 -4.38 4.13 1.73
N GLU A 18 -4.82 4.27 2.96
CA GLU A 18 -5.02 5.59 3.53
C GLU A 18 -4.62 5.61 5.00
N ALA A 19 -3.73 6.53 5.34
CA ALA A 19 -3.23 6.65 6.70
C ALA A 19 -3.12 8.13 7.10
N ASN A 20 -3.50 8.42 8.34
CA ASN A 20 -3.44 9.78 8.86
C ASN A 20 -1.99 10.17 9.16
N LEU A 21 -1.61 11.37 8.73
CA LEU A 21 -0.27 11.87 8.93
C LEU A 21 -0.28 13.37 9.18
N ASN A 22 -0.03 13.77 10.43
CA ASN A 22 0.07 15.19 10.80
C ASN A 22 -1.22 15.94 10.47
N GLY A 23 -2.35 15.27 10.58
CA GLY A 23 -3.62 15.89 10.28
C GLY A 23 -4.04 15.65 8.84
N ARG A 24 -3.08 15.31 8.00
CA ARG A 24 -3.35 15.04 6.60
C ARG A 24 -3.72 13.58 6.40
N HIS A 25 -4.44 13.29 5.33
CA HIS A 25 -4.77 11.91 5.01
C HIS A 25 -3.99 11.46 3.79
N SER A 26 -3.08 10.51 3.98
CA SER A 26 -2.32 9.97 2.88
C SER A 26 -3.16 8.92 2.16
N THR A 27 -3.57 9.23 0.94
CA THR A 27 -4.43 8.33 0.19
C THR A 27 -3.72 7.83 -1.05
N MET A 28 -3.38 6.55 -1.05
CA MET A 28 -2.66 5.93 -2.15
C MET A 28 -3.54 4.87 -2.81
N LEU A 29 -3.62 4.93 -4.13
CA LEU A 29 -4.50 4.04 -4.88
C LEU A 29 -3.69 2.97 -5.62
N LEU A 30 -3.93 1.71 -5.28
CA LEU A 30 -3.13 0.62 -5.82
C LEU A 30 -3.98 -0.64 -6.03
N CYS A 31 -3.38 -1.61 -6.72
CA CYS A 31 -3.93 -2.97 -6.75
C CYS A 31 -3.36 -3.74 -5.56
N ASP A 32 -3.90 -4.91 -5.28
CA ASP A 32 -3.43 -5.74 -4.16
C ASP A 32 -1.95 -6.04 -4.28
N ASP A 33 -1.49 -6.27 -5.49
CA ASP A 33 -0.09 -6.62 -5.76
C ASP A 33 0.85 -5.56 -5.21
N HIS A 34 0.51 -4.31 -5.42
CA HIS A 34 1.36 -3.19 -5.04
C HIS A 34 1.26 -2.97 -3.55
N TYR A 35 0.05 -3.11 -3.03
CA TYR A 35 -0.22 -2.97 -1.62
C TYR A 35 0.48 -4.07 -0.83
N ARG A 36 0.46 -5.27 -1.40
CA ARG A 36 1.12 -6.41 -0.80
C ARG A 36 2.61 -6.16 -0.66
N GLN A 37 3.20 -5.56 -1.68
CA GLN A 37 4.60 -5.19 -1.65
C GLN A 37 4.81 -4.06 -0.64
N LEU A 38 3.82 -3.17 -0.56
CA LEU A 38 3.88 -2.03 0.36
C LEU A 38 3.81 -2.52 1.81
N VAL A 39 2.90 -3.45 2.07
CA VAL A 39 2.77 -4.03 3.41
C VAL A 39 4.03 -4.81 3.78
N ARG A 40 4.72 -5.32 2.77
CA ARG A 40 5.97 -6.03 2.98
C ARG A 40 7.08 -5.05 3.38
N GLN A 41 6.80 -3.76 3.21
CA GLN A 41 7.72 -2.70 3.59
C GLN A 41 7.26 -2.08 4.90
N GLN A 42 5.97 -1.79 4.98
CA GLN A 42 5.38 -1.16 6.16
C GLN A 42 5.42 -2.10 7.36
N LYS A 43 5.12 -3.37 7.09
CA LYS A 43 5.06 -4.41 8.13
C LYS A 43 3.83 -4.21 9.02
N ARG A 44 3.91 -3.25 9.93
CA ARG A 44 2.82 -2.99 10.87
C ARG A 44 2.64 -1.49 11.08
N THR A 45 1.58 -1.12 11.78
CA THR A 45 1.29 0.28 12.04
C THR A 45 2.07 0.78 13.26
N VAL A 46 3.36 1.00 13.06
CA VAL A 46 4.23 1.48 14.13
C VAL A 46 5.10 2.64 13.64
N TRP A 47 4.61 3.33 12.61
CA TRP A 47 5.36 4.42 11.98
C TRP A 47 5.65 5.52 12.98
N SER A 48 4.65 5.89 13.76
CA SER A 48 4.80 6.87 14.81
C SER A 48 4.22 6.34 16.12
N HIS A 49 4.67 6.90 17.24
CA HIS A 49 4.20 6.49 18.58
C HIS A 49 4.74 5.10 18.95
N PRO A 50 5.43 5.02 20.10
CA PRO A 50 6.00 3.76 20.60
C PRO A 50 4.90 2.78 21.04
N GLN A 51 4.76 1.70 20.30
CA GLN A 51 3.72 0.71 20.59
C GLN A 51 4.34 -0.68 20.73
N PHE A 52 5.66 -0.74 20.65
CA PHE A 52 6.42 -1.99 20.84
C PHE A 52 6.05 -3.05 19.79
N GLU A 53 5.37 -2.61 18.74
CA GLU A 53 4.94 -3.49 17.64
C GLU A 53 3.93 -4.54 18.12
N LYS A 54 3.42 -4.35 19.33
CA LYS A 54 2.47 -5.29 19.91
C LYS A 54 1.92 -4.73 21.21
N MET A 1 -14.11 6.79 -12.44
CA MET A 1 -13.43 8.10 -12.50
C MET A 1 -11.95 7.91 -12.86
N ALA A 2 -11.46 8.76 -13.75
CA ALA A 2 -10.08 8.65 -14.24
C ALA A 2 -9.06 8.87 -13.13
N ARG A 3 -9.30 9.84 -12.27
CA ARG A 3 -8.39 10.11 -11.15
C ARG A 3 -8.38 8.96 -10.16
N LYS A 4 -9.52 8.30 -10.00
CA LYS A 4 -9.62 7.18 -9.07
C LYS A 4 -9.12 5.88 -9.71
N GLN A 5 -7.83 5.82 -9.94
CA GLN A 5 -7.19 4.62 -10.47
C GLN A 5 -5.92 4.34 -9.68
N CYS A 6 -5.32 3.19 -9.95
CA CYS A 6 -4.06 2.80 -9.35
C CYS A 6 -2.98 3.84 -9.62
N GLN A 7 -2.18 4.14 -8.61
CA GLN A 7 -1.11 5.13 -8.73
C GLN A 7 0.08 4.57 -9.51
N VAL A 8 0.14 3.26 -9.64
CA VAL A 8 1.25 2.62 -10.33
C VAL A 8 0.83 2.14 -11.72
N CYS A 9 -0.32 1.48 -11.80
CA CYS A 9 -0.79 0.97 -13.08
C CYS A 9 -2.15 1.57 -13.40
N GLY A 10 -2.61 1.44 -14.63
CA GLY A 10 -3.87 2.06 -15.02
C GLY A 10 -5.06 1.15 -14.80
N GLN A 11 -5.02 0.36 -13.76
CA GLN A 11 -6.12 -0.53 -13.42
C GLN A 11 -6.89 0.01 -12.22
N PRO A 12 -8.18 -0.34 -12.09
CA PRO A 12 -8.99 0.05 -10.93
C PRO A 12 -8.36 -0.42 -9.61
N ALA A 13 -8.23 0.50 -8.68
CA ALA A 13 -7.63 0.21 -7.39
C ALA A 13 -8.67 -0.35 -6.44
N THR A 14 -8.61 -1.65 -6.18
CA THR A 14 -9.58 -2.30 -5.31
C THR A 14 -9.18 -2.14 -3.83
N VAL A 15 -8.02 -1.55 -3.59
CA VAL A 15 -7.57 -1.32 -2.22
C VAL A 15 -7.32 0.17 -1.99
N ARG A 16 -8.08 0.75 -1.08
CA ARG A 16 -7.89 2.14 -0.69
C ARG A 16 -7.11 2.21 0.61
N VAL A 17 -5.91 2.75 0.53
CA VAL A 17 -5.05 2.85 1.70
C VAL A 17 -5.04 4.29 2.22
N GLU A 18 -5.58 4.48 3.41
CA GLU A 18 -5.58 5.80 4.04
C GLU A 18 -4.30 5.97 4.85
N ALA A 19 -3.43 6.84 4.39
CA ALA A 19 -2.12 6.99 5.02
C ALA A 19 -1.94 8.38 5.61
N ASN A 20 -1.36 8.44 6.80
CA ASN A 20 -1.04 9.71 7.43
C ASN A 20 0.47 9.82 7.63
N LEU A 21 1.10 10.72 6.91
CA LEU A 21 2.54 10.88 6.97
C LEU A 21 2.90 12.32 7.26
N ASN A 22 3.66 12.53 8.34
CA ASN A 22 4.13 13.86 8.73
C ASN A 22 2.96 14.82 8.94
N GLY A 23 1.86 14.30 9.48
CA GLY A 23 0.70 15.12 9.75
C GLY A 23 -0.18 15.32 8.53
N ARG A 24 0.22 14.74 7.41
CA ARG A 24 -0.55 14.88 6.18
C ARG A 24 -1.27 13.59 5.84
N HIS A 25 -2.57 13.69 5.62
CA HIS A 25 -3.37 12.55 5.19
C HIS A 25 -3.37 12.46 3.66
N SER A 26 -3.13 11.27 3.15
CA SER A 26 -3.17 11.04 1.72
C SER A 26 -3.74 9.65 1.43
N THR A 27 -4.69 9.60 0.51
CA THR A 27 -5.29 8.34 0.11
C THR A 27 -4.47 7.70 -1.01
N MET A 28 -3.98 6.49 -0.77
CA MET A 28 -3.20 5.79 -1.77
C MET A 28 -4.04 4.73 -2.45
N LEU A 29 -4.18 4.87 -3.76
CA LEU A 29 -5.01 3.97 -4.55
C LEU A 29 -4.14 2.93 -5.24
N LEU A 30 -4.21 1.71 -4.76
CA LEU A 30 -3.38 0.63 -5.29
C LEU A 30 -4.21 -0.63 -5.53
N CYS A 31 -3.75 -1.48 -6.44
CA CYS A 31 -4.32 -2.81 -6.58
C CYS A 31 -3.77 -3.70 -5.46
N ASP A 32 -4.35 -4.88 -5.31
CA ASP A 32 -3.98 -5.78 -4.21
C ASP A 32 -2.51 -6.19 -4.29
N ASP A 33 -2.04 -6.44 -5.50
CA ASP A 33 -0.66 -6.88 -5.72
C ASP A 33 0.32 -5.79 -5.33
N HIS A 34 -0.02 -4.55 -5.63
CA HIS A 34 0.84 -3.42 -5.31
C HIS A 34 0.88 -3.22 -3.80
N TYR A 35 -0.28 -3.37 -3.19
CA TYR A 35 -0.41 -3.24 -1.75
C TYR A 35 0.47 -4.28 -1.05
N ARG A 36 0.47 -5.49 -1.57
CA ARG A 36 1.31 -6.56 -1.03
C ARG A 36 2.78 -6.23 -1.21
N GLN A 37 3.11 -5.65 -2.37
CA GLN A 37 4.48 -5.29 -2.67
C GLN A 37 4.96 -4.16 -1.75
N LEU A 38 4.08 -3.22 -1.46
CA LEU A 38 4.40 -2.12 -0.56
C LEU A 38 4.56 -2.64 0.87
N VAL A 39 3.60 -3.44 1.31
CA VAL A 39 3.61 -3.99 2.66
C VAL A 39 4.72 -5.05 2.81
N ARG A 40 5.20 -5.57 1.68
CA ARG A 40 6.26 -6.58 1.69
C ARG A 40 7.53 -6.07 2.37
N GLN A 41 7.72 -4.76 2.36
CA GLN A 41 8.87 -4.14 3.00
C GLN A 41 8.59 -3.91 4.48
N GLN A 42 7.32 -3.78 4.82
CA GLN A 42 6.90 -3.50 6.18
C GLN A 42 6.72 -4.80 6.96
N LYS A 43 6.14 -5.79 6.31
CA LYS A 43 5.90 -7.08 6.91
C LYS A 43 7.17 -7.90 6.92
N ARG A 44 7.65 -8.22 8.11
CA ARG A 44 8.83 -9.07 8.26
C ARG A 44 8.43 -10.36 8.97
N THR A 45 9.38 -11.27 9.12
CA THR A 45 9.09 -12.56 9.74
C THR A 45 9.12 -12.46 11.26
N VAL A 46 9.56 -11.32 11.77
CA VAL A 46 9.61 -11.08 13.21
C VAL A 46 8.92 -9.76 13.53
N TRP A 47 7.81 -9.84 14.25
CA TRP A 47 7.10 -8.64 14.68
C TRP A 47 7.63 -8.19 16.02
N SER A 48 7.59 -9.10 16.99
CA SER A 48 8.06 -8.84 18.33
C SER A 48 8.51 -10.13 18.98
N HIS A 49 9.71 -10.12 19.54
CA HIS A 49 10.25 -11.29 20.23
C HIS A 49 9.82 -11.34 21.71
N PRO A 50 9.98 -10.23 22.47
CA PRO A 50 9.58 -10.18 23.89
C PRO A 50 8.11 -10.53 24.09
N GLN A 51 7.77 -10.86 25.33
CA GLN A 51 6.40 -11.29 25.70
C GLN A 51 6.07 -12.65 25.09
N PHE A 52 7.13 -13.41 24.78
CA PHE A 52 7.00 -14.77 24.27
C PHE A 52 6.33 -14.81 22.90
N GLU A 53 6.37 -13.69 22.20
CA GLU A 53 5.78 -13.61 20.88
C GLU A 53 6.76 -14.09 19.81
N LYS A 54 6.23 -14.68 18.76
CA LYS A 54 7.06 -15.18 17.66
C LYS A 54 6.23 -15.29 16.40
N MET A 1 -16.50 12.34 -12.41
CA MET A 1 -16.54 12.94 -11.05
C MET A 1 -15.26 12.59 -10.28
N ALA A 2 -15.10 11.33 -9.94
CA ALA A 2 -13.94 10.89 -9.20
C ALA A 2 -13.40 9.59 -9.78
N ARG A 3 -12.09 9.53 -9.96
CA ARG A 3 -11.46 8.34 -10.50
C ARG A 3 -10.72 7.57 -9.41
N LYS A 4 -10.93 6.27 -9.39
CA LYS A 4 -10.22 5.40 -8.46
C LYS A 4 -9.24 4.53 -9.22
N GLN A 5 -8.16 5.15 -9.69
CA GLN A 5 -7.17 4.45 -10.50
C GLN A 5 -5.90 4.21 -9.71
N CYS A 6 -5.28 3.08 -9.98
CA CYS A 6 -4.00 2.73 -9.41
C CYS A 6 -2.95 3.76 -9.78
N GLN A 7 -2.21 4.24 -8.79
CA GLN A 7 -1.18 5.24 -9.02
C GLN A 7 0.05 4.61 -9.68
N VAL A 8 0.10 3.28 -9.72
CA VAL A 8 1.24 2.58 -10.28
C VAL A 8 0.93 1.99 -11.66
N CYS A 9 -0.24 1.37 -11.80
CA CYS A 9 -0.58 0.75 -13.07
C CYS A 9 -1.92 1.29 -13.57
N GLY A 10 -2.27 0.99 -14.82
CA GLY A 10 -3.48 1.53 -15.41
C GLY A 10 -4.71 0.69 -15.12
N GLN A 11 -4.72 0.05 -13.97
CA GLN A 11 -5.87 -0.75 -13.56
C GLN A 11 -6.63 -0.03 -12.44
N PRO A 12 -7.93 -0.33 -12.28
CA PRO A 12 -8.74 0.23 -11.20
C PRO A 12 -8.19 -0.15 -9.83
N ALA A 13 -8.17 0.82 -8.92
CA ALA A 13 -7.66 0.59 -7.58
C ALA A 13 -8.63 -0.26 -6.77
N THR A 14 -8.17 -1.43 -6.36
CA THR A 14 -9.01 -2.36 -5.63
C THR A 14 -8.88 -2.17 -4.12
N VAL A 15 -7.89 -1.40 -3.70
CA VAL A 15 -7.69 -1.11 -2.28
C VAL A 15 -7.49 0.38 -2.06
N ARG A 16 -7.71 0.81 -0.83
CA ARG A 16 -7.53 2.20 -0.45
C ARG A 16 -6.62 2.29 0.76
N VAL A 17 -5.44 2.87 0.58
CA VAL A 17 -4.50 3.01 1.68
C VAL A 17 -4.65 4.37 2.32
N GLU A 18 -5.11 4.37 3.56
CA GLU A 18 -5.32 5.61 4.31
C GLU A 18 -4.03 5.97 5.04
N ALA A 19 -3.41 7.06 4.65
CA ALA A 19 -2.12 7.45 5.22
C ALA A 19 -2.09 8.93 5.56
N ASN A 20 -1.49 9.25 6.70
CA ASN A 20 -1.36 10.65 7.12
C ASN A 20 0.00 11.19 6.69
N LEU A 21 -0.02 12.26 5.91
CA LEU A 21 1.20 12.87 5.40
C LEU A 21 1.03 14.38 5.32
N ASN A 22 2.09 15.10 5.67
CA ASN A 22 2.09 16.57 5.64
C ASN A 22 1.02 17.12 6.57
N GLY A 23 0.79 16.43 7.67
CA GLY A 23 -0.18 16.88 8.65
C GLY A 23 -1.61 16.63 8.23
N ARG A 24 -1.79 16.08 7.04
CA ARG A 24 -3.12 15.84 6.50
C ARG A 24 -3.33 14.37 6.23
N HIS A 25 -4.58 13.94 6.21
CA HIS A 25 -4.91 12.56 5.90
C HIS A 25 -5.11 12.43 4.39
N SER A 26 -4.50 11.42 3.80
CA SER A 26 -4.59 11.22 2.37
C SER A 26 -4.80 9.74 2.06
N THR A 27 -5.26 9.46 0.85
CA THR A 27 -5.49 8.10 0.43
C THR A 27 -4.62 7.76 -0.78
N MET A 28 -3.94 6.62 -0.71
CA MET A 28 -3.14 6.14 -1.82
C MET A 28 -3.87 4.99 -2.50
N LEU A 29 -4.18 5.16 -3.77
CA LEU A 29 -4.99 4.20 -4.51
C LEU A 29 -4.11 3.19 -5.25
N LEU A 30 -4.22 1.94 -4.84
CA LEU A 30 -3.44 0.87 -5.44
C LEU A 30 -4.33 -0.35 -5.71
N CYS A 31 -3.81 -1.30 -6.47
CA CYS A 31 -4.41 -2.62 -6.52
C CYS A 31 -3.94 -3.41 -5.31
N ASP A 32 -4.72 -4.39 -4.91
CA ASP A 32 -4.40 -5.22 -3.74
C ASP A 32 -3.06 -5.93 -3.92
N ASP A 33 -2.77 -6.30 -5.16
CA ASP A 33 -1.51 -6.97 -5.49
C ASP A 33 -0.33 -6.04 -5.21
N HIS A 34 -0.55 -4.74 -5.40
CA HIS A 34 0.48 -3.74 -5.14
C HIS A 34 0.67 -3.56 -3.64
N TYR A 35 -0.44 -3.62 -2.92
CA TYR A 35 -0.41 -3.47 -1.48
C TYR A 35 0.48 -4.56 -0.86
N ARG A 36 0.40 -5.76 -1.43
CA ARG A 36 1.24 -6.87 -0.99
C ARG A 36 2.70 -6.51 -1.20
N GLN A 37 2.98 -5.93 -2.35
CA GLN A 37 4.33 -5.52 -2.70
C GLN A 37 4.78 -4.35 -1.82
N LEU A 38 3.84 -3.50 -1.46
CA LEU A 38 4.13 -2.34 -0.62
C LEU A 38 4.54 -2.79 0.77
N VAL A 39 3.81 -3.75 1.30
CA VAL A 39 4.14 -4.34 2.60
C VAL A 39 5.48 -5.07 2.51
N ARG A 40 5.72 -5.70 1.36
CA ARG A 40 6.95 -6.41 1.11
C ARG A 40 8.13 -5.45 0.98
N GLN A 41 7.84 -4.25 0.49
CA GLN A 41 8.84 -3.21 0.36
C GLN A 41 9.30 -2.73 1.73
N GLN A 42 8.36 -2.73 2.67
CA GLN A 42 8.65 -2.33 4.05
C GLN A 42 9.38 -3.44 4.78
N LYS A 43 8.84 -4.65 4.69
CA LYS A 43 9.46 -5.80 5.32
C LYS A 43 9.50 -6.99 4.36
N ARG A 44 10.70 -7.36 3.96
CA ARG A 44 10.90 -8.43 3.01
C ARG A 44 11.81 -9.49 3.59
N THR A 45 12.98 -9.06 4.02
CA THR A 45 13.96 -9.94 4.63
C THR A 45 14.19 -9.52 6.09
N VAL A 46 15.06 -10.23 6.78
CA VAL A 46 15.38 -9.90 8.17
C VAL A 46 16.10 -8.56 8.25
N TRP A 47 16.88 -8.25 7.22
CA TRP A 47 17.61 -6.99 7.15
C TRP A 47 16.69 -5.88 6.61
N SER A 48 17.10 -4.64 6.77
CA SER A 48 16.30 -3.52 6.29
C SER A 48 16.84 -3.02 4.96
N HIS A 49 18.15 -2.87 4.87
CA HIS A 49 18.78 -2.39 3.65
C HIS A 49 20.08 -3.15 3.39
N PRO A 50 20.35 -3.50 2.12
CA PRO A 50 21.61 -4.14 1.73
C PRO A 50 22.80 -3.21 1.94
N GLN A 51 23.93 -3.77 2.31
CA GLN A 51 25.13 -2.99 2.58
C GLN A 51 26.31 -3.56 1.80
N PHE A 52 26.55 -4.85 1.97
CA PHE A 52 27.64 -5.52 1.29
C PHE A 52 27.40 -7.03 1.31
N GLU A 53 26.98 -7.51 2.48
CA GLU A 53 26.63 -8.92 2.67
C GLU A 53 27.81 -9.84 2.40
N LYS A 54 28.62 -10.06 3.42
CA LYS A 54 29.78 -10.93 3.31
C LYS A 54 29.71 -12.03 4.36
N MET A 1 -4.32 11.45 -13.46
CA MET A 1 -5.12 11.80 -12.26
C MET A 1 -5.40 10.54 -11.44
N ALA A 2 -6.19 9.63 -12.00
CA ALA A 2 -6.56 8.39 -11.32
C ALA A 2 -7.26 8.68 -9.99
N ARG A 3 -8.54 8.98 -10.06
CA ARG A 3 -9.30 9.30 -8.86
C ARG A 3 -9.51 8.05 -8.01
N LYS A 4 -9.98 6.99 -8.64
CA LYS A 4 -10.20 5.72 -7.96
C LYS A 4 -9.46 4.61 -8.70
N GLN A 5 -8.40 5.00 -9.40
CA GLN A 5 -7.59 4.05 -10.15
C GLN A 5 -6.19 4.00 -9.56
N CYS A 6 -5.47 2.95 -9.91
CA CYS A 6 -4.10 2.75 -9.45
C CYS A 6 -3.22 3.93 -9.86
N GLN A 7 -2.58 4.53 -8.88
CA GLN A 7 -1.67 5.65 -9.13
C GLN A 7 -0.36 5.15 -9.76
N VAL A 8 -0.21 3.83 -9.85
CA VAL A 8 0.97 3.25 -10.43
C VAL A 8 0.70 2.68 -11.83
N CYS A 9 -0.31 1.82 -11.93
CA CYS A 9 -0.62 1.16 -13.19
C CYS A 9 -2.04 1.50 -13.61
N GLY A 10 -2.42 1.16 -14.83
CA GLY A 10 -3.72 1.53 -15.34
C GLY A 10 -4.82 0.54 -14.99
N GLN A 11 -4.72 -0.08 -13.83
CA GLN A 11 -5.75 -0.99 -13.36
C GLN A 11 -6.59 -0.31 -12.29
N PRO A 12 -7.85 -0.74 -12.10
CA PRO A 12 -8.70 -0.23 -11.02
C PRO A 12 -8.09 -0.50 -9.66
N ALA A 13 -8.20 0.46 -8.75
CA ALA A 13 -7.60 0.34 -7.43
C ALA A 13 -8.40 -0.61 -6.55
N THR A 14 -7.78 -1.74 -6.25
CA THR A 14 -8.40 -2.76 -5.41
C THR A 14 -8.48 -2.30 -3.97
N VAL A 15 -7.46 -1.56 -3.52
CA VAL A 15 -7.38 -1.12 -2.14
C VAL A 15 -7.23 0.40 -2.07
N ARG A 16 -7.36 0.93 -0.86
CA ARG A 16 -7.14 2.34 -0.63
C ARG A 16 -6.39 2.53 0.69
N VAL A 17 -5.17 3.03 0.58
CA VAL A 17 -4.31 3.21 1.75
C VAL A 17 -4.44 4.63 2.25
N GLU A 18 -4.76 4.79 3.52
CA GLU A 18 -5.00 6.10 4.10
C GLU A 18 -3.92 6.46 5.09
N ALA A 19 -3.09 7.43 4.73
CA ALA A 19 -2.01 7.87 5.61
C ALA A 19 -2.28 9.28 6.11
N ASN A 20 -2.36 9.43 7.43
CA ASN A 20 -2.63 10.73 8.01
C ASN A 20 -1.35 11.56 8.10
N LEU A 21 -1.20 12.48 7.17
CA LEU A 21 0.00 13.28 7.07
C LEU A 21 -0.27 14.70 7.56
N ASN A 22 0.25 15.01 8.74
CA ASN A 22 0.12 16.35 9.32
C ASN A 22 -1.33 16.77 9.48
N GLY A 23 -2.19 15.81 9.77
CA GLY A 23 -3.59 16.11 9.97
C GLY A 23 -4.44 15.90 8.73
N ARG A 24 -3.82 15.46 7.65
CA ARG A 24 -4.56 15.21 6.41
C ARG A 24 -4.57 13.71 6.09
N HIS A 25 -5.75 13.16 5.88
CA HIS A 25 -5.87 11.76 5.48
C HIS A 25 -5.60 11.62 3.99
N SER A 26 -4.39 11.18 3.67
CA SER A 26 -3.99 11.01 2.29
C SER A 26 -4.38 9.63 1.79
N THR A 27 -5.26 9.58 0.81
CA THR A 27 -5.75 8.33 0.27
C THR A 27 -4.94 7.92 -0.96
N MET A 28 -4.28 6.78 -0.87
CA MET A 28 -3.51 6.24 -1.97
C MET A 28 -4.27 5.12 -2.64
N LEU A 29 -4.41 5.20 -3.96
CA LEU A 29 -5.17 4.21 -4.72
C LEU A 29 -4.23 3.25 -5.44
N LEU A 30 -4.22 2.00 -4.98
CA LEU A 30 -3.34 0.98 -5.52
C LEU A 30 -4.10 -0.32 -5.73
N CYS A 31 -3.55 -1.20 -6.57
CA CYS A 31 -4.09 -2.54 -6.70
C CYS A 31 -3.69 -3.37 -5.48
N ASP A 32 -4.39 -4.47 -5.25
CA ASP A 32 -4.12 -5.34 -4.11
C ASP A 32 -2.73 -5.97 -4.24
N ASP A 33 -2.38 -6.34 -5.47
CA ASP A 33 -1.08 -6.93 -5.76
C ASP A 33 0.04 -5.96 -5.42
N HIS A 34 -0.21 -4.67 -5.67
CA HIS A 34 0.76 -3.62 -5.34
C HIS A 34 0.88 -3.50 -3.83
N TYR A 35 -0.27 -3.50 -3.17
CA TYR A 35 -0.32 -3.35 -1.72
C TYR A 35 0.42 -4.51 -1.06
N ARG A 36 0.25 -5.70 -1.62
CA ARG A 36 0.96 -6.87 -1.13
C ARG A 36 2.46 -6.66 -1.26
N GLN A 37 2.88 -6.02 -2.34
CA GLN A 37 4.28 -5.71 -2.55
C GLN A 37 4.78 -4.67 -1.55
N LEU A 38 3.98 -3.63 -1.33
CA LEU A 38 4.31 -2.59 -0.36
C LEU A 38 4.44 -3.19 1.04
N VAL A 39 3.46 -3.99 1.40
CA VAL A 39 3.46 -4.68 2.69
C VAL A 39 4.67 -5.62 2.80
N ARG A 40 5.05 -6.20 1.68
CA ARG A 40 6.19 -7.10 1.63
C ARG A 40 7.49 -6.35 1.96
N GLN A 41 7.53 -5.07 1.61
CA GLN A 41 8.73 -4.26 1.79
C GLN A 41 8.70 -3.53 3.13
N GLN A 42 7.55 -2.93 3.45
CA GLN A 42 7.40 -2.15 4.68
C GLN A 42 7.24 -3.07 5.89
N LYS A 43 6.81 -4.31 5.63
CA LYS A 43 6.65 -5.34 6.65
C LYS A 43 5.46 -5.05 7.57
N ARG A 44 4.51 -5.97 7.57
CA ARG A 44 3.35 -5.89 8.47
C ARG A 44 3.63 -6.70 9.72
N THR A 45 4.71 -7.46 9.67
CA THR A 45 5.09 -8.33 10.76
C THR A 45 5.84 -7.57 11.84
N VAL A 46 5.74 -8.03 13.09
CA VAL A 46 6.46 -7.42 14.20
C VAL A 46 7.97 -7.63 14.03
N TRP A 47 8.34 -8.71 13.37
CA TRP A 47 9.75 -9.01 13.10
C TRP A 47 10.07 -8.73 11.64
N SER A 48 11.14 -7.98 11.41
CA SER A 48 11.56 -7.66 10.05
C SER A 48 12.54 -8.71 9.53
N HIS A 49 13.01 -8.54 8.30
CA HIS A 49 13.91 -9.51 7.68
C HIS A 49 15.27 -9.56 8.38
N PRO A 50 15.95 -8.40 8.59
CA PRO A 50 17.22 -8.37 9.32
C PRO A 50 17.08 -8.96 10.72
N GLN A 51 17.67 -10.13 10.93
CA GLN A 51 17.58 -10.82 12.21
C GLN A 51 18.94 -10.85 12.91
N PHE A 52 19.97 -10.42 12.19
CA PHE A 52 21.34 -10.34 12.73
C PHE A 52 21.89 -11.72 13.06
N GLU A 53 21.13 -12.76 12.72
CA GLU A 53 21.47 -14.15 13.02
C GLU A 53 21.51 -14.41 14.53
N LYS A 54 20.96 -13.47 15.29
CA LYS A 54 20.95 -13.56 16.75
C LYS A 54 19.98 -12.54 17.35
#